data_4O6F
#
_entry.id   4O6F
#
_cell.length_a   151.810
_cell.length_b   151.810
_cell.length_c   52.873
_cell.angle_alpha   90.00
_cell.angle_beta   90.00
_cell.angle_gamma   90.00
#
_symmetry.space_group_name_H-M   'I 4'
#
loop_
_entity.id
_entity.type
_entity.pdbx_description
1 polymer 'N-lysine methyltransferase SMYD2'
2 polymer 'Estrogen receptor'
3 non-polymer 'ZINC ION'
4 non-polymer S-ADENOSYL-L-HOMOCYSTEINE
5 non-polymer 3,6,9,12,15,18,21-HEPTAOXATRICOSANE-1,23-DIOL
6 non-polymer 'NICKEL (II) ION'
7 water water
#
loop_
_entity_poly.entity_id
_entity_poly.type
_entity_poly.pdbx_seq_one_letter_code
_entity_poly.pdbx_strand_id
1 'polypeptide(L)'
;MRAEGLGGLERFCSPGKGRGLRALQPFQVGDLLFSCPAYAYVLTVNERGNHCEYCFTRKEGLSKCGRCKQAFYCNVECQK
EDWPMHKLECSPMVVFGENWNPSETVRLTARILAKQKIHPERTPSEKLLAVKEFESHLDKLDNEKKDLIQSDIAALHHFY
SKHLEFPDNDSLVVLFAQVNCNGFTIEDEELSHLGSAIFPDVALMNHSCCPNVIVTYKGTLAEVRAVQEIKPGEEVFTSY
IDLLYPTEDRNDRLRDSYFFTCECQECTTKDKDKAKVEIRKLSDPPKAEAIRDMVRYARNVIEEFRRAKHYKSPSELLEI
CELSQEKMSSVFEDSNVYMLHMMYQAMGVCLYMQDWEGALQYGQKIIKPYSKHYPLYSLNVASMWLKLGRLYMGLEHKAA
GEKALKKAIAIMEVAHGKDHPYISEIKQEIESH
;
A
2 'polypeptide(L)' GGRMLKHKRQR B
#
# COMPACT_ATOMS: atom_id res chain seq x y z
N ALA A 3 13.24 14.67 -28.40
CA ALA A 3 12.20 14.13 -27.54
C ALA A 3 12.80 13.34 -26.37
N GLU A 4 12.06 13.32 -25.26
CA GLU A 4 12.45 12.59 -24.06
C GLU A 4 11.21 11.90 -23.51
N GLY A 5 11.30 10.62 -23.15
CA GLY A 5 10.13 9.96 -22.59
C GLY A 5 9.63 10.54 -21.28
N LEU A 6 10.51 10.74 -20.29
CA LEU A 6 10.13 11.43 -19.05
C LEU A 6 11.11 12.56 -18.71
N GLY A 7 10.62 13.79 -18.77
CA GLY A 7 11.43 14.98 -18.52
C GLY A 7 12.19 15.05 -17.21
N GLY A 8 13.47 15.40 -17.29
CA GLY A 8 14.30 15.58 -16.11
C GLY A 8 14.73 14.31 -15.39
N LEU A 9 14.46 13.18 -16.01
CA LEU A 9 14.77 11.87 -15.43
C LEU A 9 15.29 10.95 -16.52
N GLU A 10 15.99 9.89 -16.11
CA GLU A 10 16.35 8.87 -17.09
C GLU A 10 16.47 7.50 -16.43
N ARG A 11 16.28 6.47 -17.24
CA ARG A 11 16.52 5.11 -16.80
C ARG A 11 18.00 4.84 -16.86
N PHE A 12 18.48 4.08 -15.88
CA PHE A 12 19.89 3.74 -15.81
C PHE A 12 20.12 2.40 -15.14
N CYS A 13 21.36 1.95 -15.15
CA CYS A 13 21.73 0.71 -14.49
C CYS A 13 22.26 1.08 -13.13
N SER A 14 21.48 0.76 -12.11
CA SER A 14 21.86 0.99 -10.72
C SER A 14 22.67 -0.20 -10.19
N PRO A 15 23.98 0.02 -9.90
CA PRO A 15 24.86 -1.07 -9.48
C PRO A 15 24.36 -1.82 -8.25
N GLY A 16 24.13 -3.12 -8.41
CA GLY A 16 23.62 -3.94 -7.33
C GLY A 16 22.11 -3.92 -7.18
N LYS A 17 21.44 -3.09 -7.99
CA LYS A 17 19.98 -2.98 -7.91
C LYS A 17 19.33 -3.10 -9.30
N GLY A 18 20.02 -3.74 -10.25
CA GLY A 18 19.47 -3.88 -11.60
C GLY A 18 19.24 -2.53 -12.25
N ARG A 19 18.05 -2.30 -12.78
CA ARG A 19 17.76 -1.02 -13.44
C ARG A 19 17.08 -0.09 -12.47
N GLY A 20 17.28 1.21 -12.67
CA GLY A 20 16.68 2.21 -11.82
C GLY A 20 16.36 3.51 -12.55
N LEU A 21 15.89 4.47 -11.77
CA LEU A 21 15.50 5.80 -12.24
C LEU A 21 16.45 6.81 -11.62
N ARG A 22 16.95 7.72 -12.46
CA ARG A 22 17.90 8.74 -12.04
C ARG A 22 17.35 10.12 -12.34
N ALA A 23 17.63 11.07 -11.45
CA ALA A 23 17.24 12.44 -11.70
C ALA A 23 18.33 13.07 -12.55
N LEU A 24 17.91 13.90 -13.50
CA LEU A 24 18.82 14.60 -14.39
C LEU A 24 18.98 16.06 -13.95
N GLN A 25 17.95 16.55 -13.26
CA GLN A 25 17.86 17.93 -12.83
C GLN A 25 17.45 17.96 -11.36
N PRO A 26 17.61 19.11 -10.69
CA PRO A 26 17.21 19.10 -9.27
C PRO A 26 15.70 19.06 -9.06
N PHE A 27 15.30 18.36 -8.01
CA PHE A 27 13.91 18.34 -7.54
C PHE A 27 13.89 18.77 -6.07
N GLN A 28 12.95 19.61 -5.67
CA GLN A 28 12.90 20.02 -4.27
C GLN A 28 11.67 19.40 -3.59
N VAL A 29 11.62 19.51 -2.27
CA VAL A 29 10.52 18.94 -1.50
C VAL A 29 9.17 19.40 -2.02
N GLY A 30 8.32 18.43 -2.33
CA GLY A 30 6.99 18.67 -2.84
C GLY A 30 6.93 18.76 -4.35
N ASP A 31 8.08 18.77 -5.01
CA ASP A 31 8.10 18.88 -6.47
C ASP A 31 7.65 17.57 -7.09
N LEU A 32 6.83 17.67 -8.14
CA LEU A 32 6.37 16.51 -8.87
C LEU A 32 7.40 16.06 -9.91
N LEU A 33 7.91 14.85 -9.76
CA LEU A 33 8.87 14.30 -10.72
C LEU A 33 8.14 13.86 -11.99
N PHE A 34 7.09 13.06 -11.82
CA PHE A 34 6.30 12.57 -12.96
C PHE A 34 4.96 11.98 -12.52
N SER A 35 4.11 11.75 -13.53
CA SER A 35 2.84 11.08 -13.36
C SER A 35 2.74 9.93 -14.34
N CYS A 36 1.95 8.93 -14.00
CA CYS A 36 1.85 7.72 -14.80
C CYS A 36 0.43 7.16 -14.78
N PRO A 37 -0.23 7.11 -15.95
CA PRO A 37 -1.58 6.54 -15.91
C PRO A 37 -1.47 5.05 -15.64
N ALA A 38 -2.49 4.46 -15.04
CA ALA A 38 -2.45 3.02 -14.76
C ALA A 38 -2.48 2.21 -16.04
N TYR A 39 -1.55 1.27 -16.16
CA TYR A 39 -1.56 0.34 -17.30
C TYR A 39 -2.72 -0.61 -17.16
N ALA A 40 -2.97 -1.01 -15.92
CA ALA A 40 -4.08 -1.89 -15.58
C ALA A 40 -4.36 -1.64 -14.11
N TYR A 41 -5.63 -1.74 -13.72
CA TYR A 41 -5.99 -1.56 -12.32
C TYR A 41 -7.32 -2.20 -12.00
N VAL A 42 -7.52 -2.56 -10.73
CA VAL A 42 -8.76 -3.17 -10.32
C VAL A 42 -9.12 -2.68 -8.92
N LEU A 43 -10.38 -2.23 -8.78
CA LEU A 43 -10.92 -1.77 -7.50
C LEU A 43 -11.22 -2.96 -6.60
N THR A 44 -10.87 -2.84 -5.32
CA THR A 44 -11.12 -3.92 -4.37
C THR A 44 -12.62 -4.13 -4.22
N VAL A 45 -13.05 -5.38 -4.06
CA VAL A 45 -14.48 -5.70 -3.99
C VAL A 45 -15.24 -4.90 -2.92
N ASN A 46 -14.62 -4.77 -1.74
CA ASN A 46 -15.20 -4.05 -0.61
C ASN A 46 -15.54 -2.57 -0.85
N GLU A 47 -14.87 -1.95 -1.81
CA GLU A 47 -15.10 -0.54 -2.14
C GLU A 47 -16.09 -0.32 -3.28
N ARG A 48 -16.63 -1.40 -3.82
CA ARG A 48 -17.63 -1.33 -4.88
C ARG A 48 -18.82 -0.51 -4.38
N GLY A 49 -19.33 0.38 -5.21
CA GLY A 49 -20.45 1.22 -4.82
C GLY A 49 -20.02 2.47 -4.08
N ASN A 50 -18.73 2.56 -3.76
CA ASN A 50 -18.18 3.71 -3.05
C ASN A 50 -17.28 4.48 -4.01
N HIS A 51 -16.61 3.74 -4.91
CA HIS A 51 -15.76 4.38 -5.91
C HIS A 51 -16.13 3.91 -7.31
N CYS A 52 -16.00 4.81 -8.28
CA CYS A 52 -16.26 4.48 -9.68
C CYS A 52 -15.26 3.41 -10.16
N GLU A 53 -15.75 2.35 -10.77
CA GLU A 53 -14.86 1.31 -11.29
C GLU A 53 -13.84 1.83 -12.29
N TYR A 54 -14.18 2.89 -13.03
CA TYR A 54 -13.29 3.39 -14.07
C TYR A 54 -12.26 4.38 -13.54
N CYS A 55 -12.73 5.48 -12.96
CA CYS A 55 -11.86 6.58 -12.57
C CYS A 55 -11.59 6.68 -11.07
N PHE A 56 -12.24 5.83 -10.28
CA PHE A 56 -12.08 5.83 -8.82
C PHE A 56 -12.57 7.08 -8.11
N THR A 57 -13.39 7.89 -8.75
CA THR A 57 -13.91 9.03 -8.03
C THR A 57 -14.81 8.49 -6.92
N ARG A 58 -14.67 9.01 -5.71
CA ARG A 58 -15.54 8.61 -4.59
C ARG A 58 -16.73 9.57 -4.64
N LYS A 59 -17.88 9.11 -5.14
CA LYS A 59 -19.05 10.00 -5.27
C LYS A 59 -20.32 9.24 -4.88
N GLU A 60 -21.32 9.95 -4.37
CA GLU A 60 -22.62 9.34 -4.07
C GLU A 60 -23.60 9.26 -5.23
N GLY A 61 -24.45 8.23 -5.16
CA GLY A 61 -25.48 7.99 -6.14
C GLY A 61 -24.85 7.60 -7.47
N LEU A 62 -23.88 6.69 -7.39
CA LEU A 62 -23.26 6.17 -8.59
C LEU A 62 -24.26 5.22 -9.23
N SER A 63 -24.33 5.23 -10.56
CA SER A 63 -25.22 4.34 -11.30
C SER A 63 -24.60 2.96 -11.53
N LYS A 64 -25.34 1.90 -11.18
CA LYS A 64 -24.82 0.54 -11.33
C LYS A 64 -25.04 -0.08 -12.71
N CYS A 65 -24.23 -1.09 -13.01
CA CYS A 65 -24.36 -1.89 -14.22
C CYS A 65 -25.61 -2.74 -14.18
N GLY A 66 -26.42 -2.64 -15.23
CA GLY A 66 -27.65 -3.40 -15.32
C GLY A 66 -27.52 -4.91 -15.23
N ARG A 67 -26.44 -5.49 -15.78
CA ARG A 67 -26.28 -6.95 -15.76
C ARG A 67 -25.80 -7.56 -14.45
N CYS A 68 -24.62 -7.16 -13.95
CA CYS A 68 -24.09 -7.77 -12.74
C CYS A 68 -24.53 -7.06 -11.45
N LYS A 69 -24.91 -5.80 -11.57
CA LYS A 69 -25.33 -4.99 -10.41
C LYS A 69 -24.27 -4.94 -9.30
N GLN A 70 -23.01 -5.07 -9.69
CA GLN A 70 -21.91 -5.13 -8.75
C GLN A 70 -20.96 -3.96 -9.04
N ALA A 71 -20.81 -3.62 -10.31
CA ALA A 71 -19.99 -2.51 -10.75
C ALA A 71 -20.76 -1.20 -10.78
N PHE A 72 -20.17 -0.17 -10.17
CA PHE A 72 -20.79 1.17 -10.07
C PHE A 72 -19.96 2.25 -10.77
N TYR A 73 -20.64 3.20 -11.40
CA TYR A 73 -20.00 4.22 -12.23
C TYR A 73 -20.58 5.63 -12.05
N CYS A 74 -19.73 6.61 -12.31
CA CYS A 74 -20.08 8.02 -12.30
C CYS A 74 -21.26 8.26 -13.23
N ASN A 75 -21.13 7.77 -14.46
CA ASN A 75 -22.09 7.99 -15.52
C ASN A 75 -21.91 6.98 -16.65
N VAL A 76 -22.69 7.07 -17.72
CA VAL A 76 -22.56 6.15 -18.85
C VAL A 76 -21.21 6.16 -19.56
N GLU A 77 -20.54 7.30 -19.61
CA GLU A 77 -19.22 7.36 -20.25
C GLU A 77 -18.21 6.51 -19.50
N CYS A 78 -18.22 6.63 -18.17
CA CYS A 78 -17.36 5.79 -17.34
C CYS A 78 -17.76 4.32 -17.46
N GLN A 79 -19.07 4.05 -17.51
CA GLN A 79 -19.53 2.67 -17.65
C GLN A 79 -19.06 2.03 -18.96
N LYS A 80 -19.19 2.78 -20.05
CA LYS A 80 -18.76 2.35 -21.38
C LYS A 80 -17.25 2.22 -21.56
N GLU A 81 -16.53 3.20 -21.03
CA GLU A 81 -15.08 3.21 -21.09
C GLU A 81 -14.47 2.00 -20.38
N ASP A 82 -15.07 1.64 -19.25
CA ASP A 82 -14.61 0.50 -18.45
C ASP A 82 -14.99 -0.88 -19.02
N TRP A 83 -15.98 -0.92 -19.90
CA TRP A 83 -16.49 -2.18 -20.46
C TRP A 83 -15.50 -3.24 -20.97
N PRO A 84 -14.46 -2.83 -21.72
CA PRO A 84 -13.47 -3.83 -22.15
C PRO A 84 -12.84 -4.63 -21.01
N MET A 85 -12.82 -4.07 -19.81
CA MET A 85 -12.25 -4.72 -18.63
C MET A 85 -13.34 -5.37 -17.80
N HIS A 86 -14.41 -4.62 -17.56
CA HIS A 86 -15.55 -5.12 -16.79
C HIS A 86 -16.16 -6.35 -17.43
N LYS A 87 -16.11 -6.44 -18.75
CA LYS A 87 -16.68 -7.59 -19.45
C LYS A 87 -16.00 -8.90 -19.05
N LEU A 88 -14.81 -8.84 -18.46
CA LEU A 88 -14.15 -10.06 -18.02
C LEU A 88 -14.74 -10.62 -16.74
N GLU A 89 -15.54 -9.81 -16.03
CA GLU A 89 -16.07 -10.22 -14.74
C GLU A 89 -17.60 -10.14 -14.73
N CYS A 90 -18.16 -9.20 -15.49
CA CYS A 90 -19.59 -8.99 -15.51
C CYS A 90 -20.42 -10.27 -15.56
N SER A 91 -20.35 -10.97 -16.69
CA SER A 91 -21.11 -12.22 -16.88
C SER A 91 -20.77 -13.31 -15.87
N PRO A 92 -19.47 -13.46 -15.55
CA PRO A 92 -19.00 -14.46 -14.59
C PRO A 92 -19.50 -14.26 -13.15
N MET A 93 -19.66 -13.03 -12.70
CA MET A 93 -20.13 -12.84 -11.34
C MET A 93 -21.60 -13.25 -11.28
N VAL A 94 -22.28 -13.16 -12.42
CA VAL A 94 -23.68 -13.60 -12.50
C VAL A 94 -23.66 -15.14 -12.51
N VAL A 95 -22.91 -15.69 -13.46
CA VAL A 95 -22.76 -17.15 -13.66
C VAL A 95 -22.27 -17.81 -12.37
N PHE A 96 -21.04 -17.52 -11.96
CA PHE A 96 -20.57 -17.98 -10.66
C PHE A 96 -21.19 -17.04 -9.65
N GLY A 97 -21.98 -17.56 -8.71
CA GLY A 97 -22.58 -16.62 -7.78
C GLY A 97 -21.61 -16.16 -6.73
N GLU A 98 -21.82 -16.67 -5.52
CA GLU A 98 -20.94 -16.43 -4.38
C GLU A 98 -19.70 -17.32 -4.53
N ASN A 99 -19.76 -18.16 -5.56
CA ASN A 99 -18.71 -19.09 -6.00
C ASN A 99 -17.56 -18.34 -6.67
N TRP A 100 -17.80 -17.07 -6.97
CA TRP A 100 -16.82 -16.20 -7.60
C TRP A 100 -15.95 -15.42 -6.64
N ASN A 101 -14.82 -16.04 -6.31
CA ASN A 101 -13.87 -15.47 -5.37
C ASN A 101 -12.43 -15.49 -5.93
N PRO A 102 -12.21 -14.87 -7.11
CA PRO A 102 -10.83 -14.74 -7.59
C PRO A 102 -9.99 -13.83 -6.71
N SER A 103 -8.73 -14.15 -6.43
CA SER A 103 -7.88 -13.24 -5.66
C SER A 103 -7.74 -11.92 -6.42
N GLU A 104 -7.39 -10.84 -5.73
CA GLU A 104 -7.19 -9.53 -6.36
C GLU A 104 -6.11 -9.56 -7.46
N THR A 105 -5.02 -10.25 -7.16
CA THR A 105 -3.91 -10.42 -8.07
C THR A 105 -4.33 -11.10 -9.38
N VAL A 106 -5.15 -12.13 -9.25
CA VAL A 106 -5.65 -12.87 -10.40
C VAL A 106 -6.50 -11.90 -11.23
N ARG A 107 -7.31 -11.12 -10.53
CA ARG A 107 -8.16 -10.12 -11.17
C ARG A 107 -7.31 -9.10 -11.91
N LEU A 108 -6.20 -8.68 -11.30
CA LEU A 108 -5.29 -7.72 -11.96
C LEU A 108 -4.63 -8.35 -13.20
N THR A 109 -4.19 -9.60 -13.05
CA THR A 109 -3.48 -10.26 -14.13
C THR A 109 -4.40 -10.50 -15.33
N ALA A 110 -5.66 -10.83 -15.08
CA ALA A 110 -6.60 -10.97 -16.18
C ALA A 110 -6.64 -9.67 -16.98
N ARG A 111 -6.72 -8.55 -16.28
CA ARG A 111 -6.74 -7.24 -16.93
C ARG A 111 -5.45 -6.96 -17.69
N ILE A 112 -4.31 -7.33 -17.11
CA ILE A 112 -3.06 -7.12 -17.84
C ILE A 112 -3.09 -7.92 -19.14
N LEU A 113 -3.55 -9.16 -19.05
CA LEU A 113 -3.62 -10.02 -20.23
C LEU A 113 -4.51 -9.35 -21.29
N ALA A 114 -5.65 -8.84 -20.82
CA ALA A 114 -6.61 -8.15 -21.68
C ALA A 114 -5.98 -6.92 -22.35
N LYS A 115 -5.27 -6.12 -21.56
CA LYS A 115 -4.62 -4.92 -22.05
C LYS A 115 -3.57 -5.30 -23.08
N GLN A 116 -2.78 -6.33 -22.80
CA GLN A 116 -1.76 -6.76 -23.76
C GLN A 116 -2.48 -7.06 -25.06
N LYS A 117 -3.60 -7.79 -24.96
CA LYS A 117 -4.33 -8.11 -26.18
C LYS A 117 -4.87 -6.89 -26.93
N ILE A 118 -5.46 -5.94 -26.22
CA ILE A 118 -6.02 -4.75 -26.89
C ILE A 118 -4.91 -3.79 -27.38
N HIS A 119 -3.99 -3.43 -26.50
CA HIS A 119 -2.90 -2.50 -26.83
C HIS A 119 -1.52 -3.17 -26.75
N PRO A 120 -1.11 -3.89 -27.82
CA PRO A 120 0.22 -4.49 -27.74
C PRO A 120 1.41 -3.50 -27.72
N GLU A 121 1.27 -2.36 -28.40
CA GLU A 121 2.30 -1.30 -28.42
C GLU A 121 2.47 -0.60 -27.08
N ARG A 122 3.59 0.10 -26.91
CA ARG A 122 3.81 0.80 -25.66
C ARG A 122 2.77 1.87 -25.46
N THR A 123 2.26 1.90 -24.24
CA THR A 123 1.29 2.89 -23.83
C THR A 123 2.04 4.08 -23.24
N PRO A 124 1.33 5.17 -22.93
CA PRO A 124 1.91 6.33 -22.25
C PRO A 124 2.39 6.03 -20.84
N SER A 125 1.97 4.89 -20.30
CA SER A 125 2.41 4.44 -18.98
C SER A 125 3.72 3.66 -19.02
N GLU A 126 4.31 3.53 -20.21
CA GLU A 126 5.53 2.74 -20.40
C GLU A 126 6.64 3.48 -21.15
N LYS A 127 6.82 4.76 -20.85
CA LYS A 127 7.86 5.56 -21.50
C LYS A 127 9.30 5.14 -21.18
N LEU A 128 9.56 4.65 -19.97
CA LEU A 128 10.91 4.24 -19.56
C LEU A 128 11.02 2.75 -19.36
N LEU A 129 9.95 2.16 -18.84
CA LEU A 129 9.90 0.72 -18.60
C LEU A 129 8.57 0.12 -19.03
N ALA A 130 8.64 -0.96 -19.82
CA ALA A 130 7.44 -1.63 -20.29
C ALA A 130 7.17 -2.88 -19.45
N VAL A 131 5.91 -3.29 -19.42
CA VAL A 131 5.50 -4.48 -18.68
C VAL A 131 6.30 -5.72 -19.05
N LYS A 132 6.51 -5.90 -20.35
CA LYS A 132 7.25 -7.05 -20.88
C LYS A 132 8.65 -7.10 -20.33
N GLU A 133 9.15 -5.92 -19.91
CA GLU A 133 10.49 -5.78 -19.35
C GLU A 133 10.56 -6.01 -17.85
N PHE A 134 9.40 -6.10 -17.18
CA PHE A 134 9.39 -6.25 -15.73
C PHE A 134 10.29 -7.39 -15.28
N GLU A 135 11.01 -7.14 -14.20
CA GLU A 135 11.80 -8.16 -13.54
C GLU A 135 10.87 -9.20 -12.94
N SER A 136 11.26 -10.48 -12.98
CA SER A 136 10.44 -11.56 -12.42
C SER A 136 11.06 -12.42 -11.32
N HIS A 137 12.38 -12.53 -11.31
CA HIS A 137 13.07 -13.36 -10.31
C HIS A 137 12.59 -14.82 -10.37
N LEU A 138 12.30 -15.29 -11.57
CA LEU A 138 11.84 -16.66 -11.78
C LEU A 138 12.87 -17.64 -11.23
N ASP A 139 14.14 -17.28 -11.38
CA ASP A 139 15.26 -18.10 -10.92
C ASP A 139 15.42 -18.24 -9.39
N LYS A 140 14.73 -17.39 -8.64
CA LYS A 140 14.85 -17.36 -7.17
C LYS A 140 13.62 -17.91 -6.49
N LEU A 141 12.59 -18.16 -7.27
CA LEU A 141 11.33 -18.64 -6.77
C LEU A 141 11.51 -20.06 -6.20
N ASP A 142 11.03 -20.33 -4.99
CA ASP A 142 11.13 -21.66 -4.40
C ASP A 142 9.88 -22.48 -4.72
N ASN A 143 9.84 -23.71 -4.25
CA ASN A 143 8.69 -24.61 -4.44
C ASN A 143 7.34 -24.01 -4.01
N GLU A 144 7.26 -23.53 -2.76
CA GLU A 144 6.04 -22.94 -2.22
C GLU A 144 5.48 -21.75 -3.01
N LYS A 145 6.36 -20.82 -3.36
CA LYS A 145 6.00 -19.63 -4.11
C LYS A 145 5.47 -20.02 -5.47
N LYS A 146 6.13 -21.02 -6.05
CA LYS A 146 5.76 -21.58 -7.32
C LYS A 146 4.38 -22.26 -7.23
N ASP A 147 4.14 -23.02 -6.16
CA ASP A 147 2.84 -23.66 -5.97
C ASP A 147 1.76 -22.58 -5.89
N LEU A 148 2.07 -21.51 -5.16
CA LEU A 148 1.16 -20.38 -5.02
C LEU A 148 0.87 -19.76 -6.39
N ILE A 149 1.91 -19.57 -7.18
CA ILE A 149 1.71 -19.01 -8.51
C ILE A 149 0.83 -19.96 -9.34
N GLN A 150 1.09 -21.26 -9.29
CA GLN A 150 0.24 -22.21 -10.04
C GLN A 150 -1.21 -22.19 -9.56
N SER A 151 -1.40 -21.97 -8.26
CA SER A 151 -2.75 -21.86 -7.73
C SER A 151 -3.41 -20.60 -8.31
N ASP A 152 -2.65 -19.52 -8.40
CA ASP A 152 -3.16 -18.28 -9.02
C ASP A 152 -3.47 -18.49 -10.52
N ILE A 153 -2.63 -19.23 -11.22
CA ILE A 153 -2.86 -19.53 -12.63
C ILE A 153 -4.14 -20.34 -12.78
N ALA A 154 -4.27 -21.36 -11.92
CA ALA A 154 -5.48 -22.19 -11.94
C ALA A 154 -6.70 -21.33 -11.69
N ALA A 155 -6.62 -20.42 -10.73
CA ALA A 155 -7.74 -19.52 -10.48
C ALA A 155 -8.06 -18.65 -11.71
N LEU A 156 -7.01 -18.18 -12.37
CA LEU A 156 -7.21 -17.37 -13.57
C LEU A 156 -7.91 -18.16 -14.67
N HIS A 157 -7.49 -19.41 -14.89
CA HIS A 157 -8.18 -20.23 -15.88
C HIS A 157 -9.62 -20.50 -15.48
N HIS A 158 -9.79 -20.90 -14.22
CA HIS A 158 -11.09 -21.23 -13.68
C HIS A 158 -12.07 -20.06 -13.92
N PHE A 159 -11.67 -18.86 -13.49
CA PHE A 159 -12.52 -17.66 -13.56
C PHE A 159 -12.49 -16.73 -14.80
N TYR A 160 -11.51 -16.89 -15.70
CA TYR A 160 -11.38 -15.99 -16.86
C TYR A 160 -11.29 -16.58 -18.30
N SER A 161 -11.26 -17.90 -18.41
CA SER A 161 -11.05 -18.58 -19.69
C SER A 161 -11.87 -18.23 -20.95
N LYS A 162 -13.13 -17.85 -20.82
CA LYS A 162 -13.95 -17.54 -22.01
C LYS A 162 -13.74 -16.21 -22.73
N HIS A 163 -13.13 -15.24 -22.08
CA HIS A 163 -12.99 -13.88 -22.63
C HIS A 163 -11.54 -13.53 -22.84
N LEU A 164 -10.65 -14.39 -22.39
CA LEU A 164 -9.23 -14.09 -22.45
C LEU A 164 -8.49 -15.33 -22.94
N GLU A 165 -7.62 -15.14 -23.93
CA GLU A 165 -6.77 -16.21 -24.45
C GLU A 165 -5.49 -16.29 -23.66
N PHE A 166 -5.01 -17.50 -23.35
CA PHE A 166 -3.85 -17.60 -22.48
C PHE A 166 -2.61 -18.11 -23.20
N PRO A 167 -1.43 -17.61 -22.83
CA PRO A 167 -0.16 -18.17 -23.27
C PRO A 167 0.17 -19.45 -22.53
N ASP A 168 1.29 -20.06 -22.88
CA ASP A 168 1.75 -21.30 -22.26
C ASP A 168 1.96 -21.04 -20.76
N ASN A 169 2.01 -22.11 -19.97
CA ASN A 169 2.16 -22.02 -18.53
C ASN A 169 3.34 -21.16 -18.04
N ASP A 170 4.48 -21.27 -18.70
CA ASP A 170 5.67 -20.52 -18.30
C ASP A 170 5.50 -19.01 -18.43
N SER A 171 4.78 -18.57 -19.46
CA SER A 171 4.52 -17.15 -19.61
C SER A 171 3.64 -16.64 -18.47
N LEU A 172 2.72 -17.47 -18.01
CA LEU A 172 1.85 -17.08 -16.91
C LEU A 172 2.62 -17.08 -15.59
N VAL A 173 3.53 -18.04 -15.43
CA VAL A 173 4.38 -18.08 -14.25
C VAL A 173 5.18 -16.77 -14.22
N VAL A 174 5.77 -16.42 -15.36
CA VAL A 174 6.53 -15.18 -15.46
C VAL A 174 5.65 -13.96 -15.19
N LEU A 175 4.47 -13.92 -15.79
CA LEU A 175 3.59 -12.78 -15.60
C LEU A 175 3.19 -12.58 -14.13
N PHE A 176 2.71 -13.64 -13.51
CA PHE A 176 2.37 -13.54 -12.08
C PHE A 176 3.59 -13.16 -11.26
N ALA A 177 4.76 -13.68 -11.63
CA ALA A 177 5.96 -13.33 -10.88
C ALA A 177 6.29 -11.84 -11.04
N GLN A 178 6.09 -11.29 -12.24
CA GLN A 178 6.34 -9.88 -12.47
C GLN A 178 5.34 -9.02 -11.69
N VAL A 179 4.08 -9.47 -11.72
CA VAL A 179 3.04 -8.75 -10.97
C VAL A 179 3.39 -8.71 -9.50
N ASN A 180 3.90 -9.83 -8.99
CA ASN A 180 4.24 -9.88 -7.58
C ASN A 180 5.34 -8.89 -7.18
N CYS A 181 6.34 -8.66 -8.02
CA CYS A 181 7.39 -7.72 -7.64
C CYS A 181 7.32 -6.34 -8.31
N ASN A 182 6.26 -6.07 -9.08
CA ASN A 182 6.14 -4.76 -9.72
C ASN A 182 4.74 -4.17 -9.57
N GLY A 183 3.88 -4.89 -8.87
CA GLY A 183 2.51 -4.48 -8.66
C GLY A 183 2.43 -3.44 -7.56
N PHE A 184 1.33 -2.70 -7.53
CA PHE A 184 1.06 -1.68 -6.54
C PHE A 184 -0.32 -1.88 -5.93
N THR A 185 -0.50 -1.29 -4.77
CA THR A 185 -1.81 -1.22 -4.15
C THR A 185 -2.08 0.25 -4.13
N ILE A 186 -3.34 0.58 -4.30
CA ILE A 186 -3.78 1.95 -4.27
C ILE A 186 -4.48 2.11 -2.95
N GLU A 187 -4.03 3.10 -2.20
CA GLU A 187 -4.59 3.39 -0.90
C GLU A 187 -5.22 4.77 -0.97
N ASP A 188 -6.26 5.00 -0.18
CA ASP A 188 -6.89 6.30 -0.14
C ASP A 188 -6.13 7.21 0.82
N GLU A 189 -6.72 8.35 1.15
CA GLU A 189 -6.08 9.33 2.01
C GLU A 189 -5.85 8.81 3.44
N GLU A 190 -6.59 7.77 3.83
CA GLU A 190 -6.39 7.14 5.14
C GLU A 190 -5.61 5.83 5.06
N LEU A 191 -5.02 5.57 3.89
CA LEU A 191 -4.27 4.34 3.63
C LEU A 191 -5.16 3.09 3.64
N SER A 192 -6.46 3.29 3.44
CA SER A 192 -7.40 2.19 3.29
C SER A 192 -7.18 1.58 1.91
N HIS A 193 -7.20 0.27 1.80
CA HIS A 193 -6.99 -0.41 0.52
C HIS A 193 -8.12 -0.15 -0.49
N LEU A 194 -7.80 0.45 -1.63
CA LEU A 194 -8.78 0.67 -2.71
C LEU A 194 -8.69 -0.35 -3.84
N GLY A 195 -7.48 -0.77 -4.15
CA GLY A 195 -7.32 -1.71 -5.24
C GLY A 195 -5.87 -1.95 -5.60
N SER A 196 -5.69 -2.66 -6.70
CA SER A 196 -4.35 -3.03 -7.16
C SER A 196 -4.15 -2.50 -8.57
N ALA A 197 -2.92 -2.14 -8.92
CA ALA A 197 -2.65 -1.57 -10.22
C ALA A 197 -1.24 -1.83 -10.69
N ILE A 198 -1.03 -1.62 -11.99
CA ILE A 198 0.29 -1.70 -12.58
C ILE A 198 0.63 -0.30 -13.08
N PHE A 199 1.77 0.22 -12.63
CA PHE A 199 2.27 1.52 -13.05
C PHE A 199 3.71 1.32 -13.52
N PRO A 200 3.90 0.96 -14.80
CA PRO A 200 5.23 0.56 -15.29
C PRO A 200 6.37 1.57 -15.04
N ASP A 201 6.19 2.83 -15.38
CA ASP A 201 7.27 3.80 -15.14
C ASP A 201 7.56 3.97 -13.66
N VAL A 202 6.54 3.86 -12.83
CA VAL A 202 6.72 3.94 -11.38
C VAL A 202 7.46 2.73 -10.84
N ALA A 203 7.22 1.57 -11.46
CA ALA A 203 7.87 0.32 -11.11
C ALA A 203 9.39 0.31 -11.35
N LEU A 204 9.87 1.27 -12.13
CA LEU A 204 11.30 1.38 -12.40
C LEU A 204 12.09 1.81 -11.17
N MET A 205 11.48 2.58 -10.28
CA MET A 205 12.19 3.10 -9.13
C MET A 205 12.52 1.98 -8.14
N ASN A 206 13.76 1.98 -7.66
CA ASN A 206 14.21 1.04 -6.64
C ASN A 206 13.77 1.43 -5.24
N HIS A 207 13.99 0.54 -4.27
CA HIS A 207 13.55 0.73 -2.90
C HIS A 207 14.62 1.30 -1.97
N SER A 208 14.17 2.11 -1.01
CA SER A 208 14.97 2.54 0.13
C SER A 208 14.06 2.68 1.34
N CYS A 209 14.58 2.41 2.54
CA CYS A 209 13.80 2.64 3.75
C CYS A 209 13.81 4.10 4.19
N CYS A 210 14.61 4.92 3.51
CA CYS A 210 14.56 6.36 3.68
CA CYS A 210 14.60 6.38 3.68
C CYS A 210 14.39 6.99 2.30
N PRO A 211 13.21 6.77 1.70
CA PRO A 211 12.96 7.24 0.34
C PRO A 211 12.93 8.75 0.17
N ASN A 212 13.30 9.19 -1.03
CA ASN A 212 13.28 10.59 -1.42
C ASN A 212 12.06 10.97 -2.28
N VAL A 213 11.19 10.01 -2.56
CA VAL A 213 9.95 10.31 -3.26
C VAL A 213 8.82 9.55 -2.60
N ILE A 214 7.60 10.00 -2.86
CA ILE A 214 6.41 9.32 -2.42
C ILE A 214 5.49 9.15 -3.63
N VAL A 215 4.92 7.95 -3.74
CA VAL A 215 3.93 7.66 -4.75
C VAL A 215 2.55 7.92 -4.14
N THR A 216 1.73 8.70 -4.84
CA THR A 216 0.36 8.95 -4.42
C THR A 216 -0.51 8.71 -5.63
N TYR A 217 -1.82 8.75 -5.44
CA TYR A 217 -2.73 8.48 -6.54
C TYR A 217 -3.82 9.53 -6.68
N LYS A 218 -4.16 9.82 -7.93
CA LYS A 218 -5.22 10.76 -8.27
C LYS A 218 -6.23 9.99 -9.09
N GLY A 219 -7.15 9.32 -8.41
CA GLY A 219 -8.04 8.42 -9.12
C GLY A 219 -7.22 7.19 -9.46
N THR A 220 -6.99 6.96 -10.75
CA THR A 220 -6.15 5.86 -11.19
C THR A 220 -4.83 6.33 -11.80
N LEU A 221 -4.54 7.62 -11.64
CA LEU A 221 -3.28 8.21 -12.09
C LEU A 221 -2.23 8.14 -10.99
N ALA A 222 -1.08 7.51 -11.23
CA ALA A 222 -0.04 7.51 -10.21
C ALA A 222 0.77 8.79 -10.31
N GLU A 223 1.09 9.37 -9.16
CA GLU A 223 1.91 10.59 -9.08
C GLU A 223 3.12 10.43 -8.17
N VAL A 224 4.28 10.96 -8.59
CA VAL A 224 5.52 10.81 -7.83
C VAL A 224 6.09 12.16 -7.39
N ARG A 225 6.12 12.40 -6.09
CA ARG A 225 6.61 13.67 -5.53
C ARG A 225 7.76 13.50 -4.57
N ALA A 226 8.69 14.45 -4.58
CA ALA A 226 9.84 14.39 -3.69
C ALA A 226 9.47 14.69 -2.23
N VAL A 227 10.05 13.89 -1.34
CA VAL A 227 9.89 14.06 0.11
C VAL A 227 11.20 14.48 0.76
N GLN A 228 12.25 14.60 -0.06
CA GLN A 228 13.51 15.18 0.39
C GLN A 228 14.12 15.87 -0.81
N GLU A 229 15.22 16.60 -0.63
CA GLU A 229 15.87 17.22 -1.77
C GLU A 229 16.45 16.15 -2.69
N ILE A 230 16.28 16.34 -4.00
CA ILE A 230 16.87 15.43 -4.98
C ILE A 230 17.82 16.14 -5.95
N LYS A 231 19.10 15.83 -5.88
CA LYS A 231 20.11 16.52 -6.69
C LYS A 231 20.30 15.82 -8.05
N PRO A 232 20.73 16.56 -9.08
CA PRO A 232 20.96 15.92 -10.39
C PRO A 232 21.93 14.74 -10.31
N GLY A 233 21.57 13.62 -10.95
CA GLY A 233 22.38 12.42 -10.91
C GLY A 233 22.04 11.47 -9.78
N GLU A 234 21.26 11.95 -8.83
CA GLU A 234 20.87 11.14 -7.66
C GLU A 234 19.89 10.08 -8.11
N GLU A 235 19.93 8.92 -7.47
CA GLU A 235 18.92 7.90 -7.73
C GLU A 235 17.64 8.23 -6.98
N VAL A 236 16.51 7.91 -7.62
CA VAL A 236 15.20 8.14 -7.04
C VAL A 236 14.67 6.88 -6.38
N PHE A 237 14.35 6.98 -5.09
CA PHE A 237 13.91 5.81 -4.33
C PHE A 237 12.55 6.04 -3.68
N THR A 238 11.67 5.05 -3.81
CA THR A 238 10.38 5.03 -3.13
C THR A 238 10.45 3.93 -2.09
N SER A 239 9.41 3.77 -1.27
CA SER A 239 9.32 2.63 -0.36
C SER A 239 8.27 1.61 -0.81
N TYR A 240 8.64 0.34 -0.86
CA TYR A 240 7.73 -0.70 -1.28
C TYR A 240 6.90 -1.22 -0.11
N ILE A 241 7.33 -0.88 1.11
CA ILE A 241 6.77 -1.46 2.34
C ILE A 241 6.50 -0.47 3.47
N ASP A 242 5.87 -0.99 4.52
CA ASP A 242 5.57 -0.21 5.72
C ASP A 242 6.87 -0.03 6.50
N LEU A 243 7.31 1.22 6.63
CA LEU A 243 8.58 1.57 7.25
C LEU A 243 8.65 1.56 8.79
N LEU A 244 7.55 1.25 9.45
CA LEU A 244 7.49 1.25 10.91
C LEU A 244 8.36 0.19 11.58
N TYR A 245 8.49 -0.95 10.93
CA TYR A 245 9.13 -2.10 11.56
C TYR A 245 10.66 -2.02 11.58
N PRO A 246 11.30 -2.77 12.49
CA PRO A 246 12.77 -2.75 12.56
C PRO A 246 13.42 -3.33 11.31
N THR A 247 14.70 -3.04 11.14
CA THR A 247 15.48 -3.43 9.96
C THR A 247 15.32 -4.90 9.58
N GLU A 248 15.42 -5.80 10.57
CA GLU A 248 15.32 -7.21 10.26
C GLU A 248 13.95 -7.58 9.69
N ASP A 249 12.89 -7.03 10.26
CA ASP A 249 11.53 -7.31 9.79
C ASP A 249 11.33 -6.81 8.35
N ARG A 250 11.77 -5.57 8.12
CA ARG A 250 11.64 -4.96 6.81
C ARG A 250 12.39 -5.82 5.81
N ASN A 251 13.60 -6.20 6.17
CA ASN A 251 14.42 -7.00 5.29
C ASN A 251 13.91 -8.42 5.11
N ASP A 252 13.27 -8.98 6.13
CA ASP A 252 12.65 -10.29 5.96
C ASP A 252 11.54 -10.18 4.93
N ARG A 253 10.78 -9.10 5.00
CA ARG A 253 9.73 -8.88 4.00
C ARG A 253 10.28 -8.60 2.61
N LEU A 254 11.29 -7.73 2.52
CA LEU A 254 11.88 -7.43 1.22
C LEU A 254 12.55 -8.66 0.60
N ARG A 255 13.26 -9.45 1.41
CA ARG A 255 13.89 -10.65 0.89
C ARG A 255 12.79 -11.59 0.45
N ASP A 256 11.75 -11.69 1.27
CA ASP A 256 10.64 -12.58 0.97
C ASP A 256 9.82 -12.25 -0.28
N SER A 257 9.52 -10.96 -0.47
CA SER A 257 8.68 -10.54 -1.58
C SER A 257 9.41 -10.03 -2.81
N TYR A 258 10.58 -9.42 -2.61
CA TYR A 258 11.27 -8.74 -3.70
C TYR A 258 12.67 -9.30 -3.94
N PHE A 259 13.07 -10.29 -3.15
CA PHE A 259 14.33 -10.99 -3.35
C PHE A 259 15.61 -10.13 -3.32
N PHE A 260 15.68 -9.22 -2.35
CA PHE A 260 16.89 -8.44 -2.16
C PHE A 260 16.93 -8.02 -0.71
N THR A 261 18.12 -7.69 -0.22
CA THR A 261 18.29 -7.15 1.12
C THR A 261 18.62 -5.67 0.94
N CYS A 262 17.89 -4.78 1.61
CA CYS A 262 18.13 -3.35 1.49
C CYS A 262 19.42 -2.97 2.20
N GLU A 263 20.19 -2.08 1.58
CA GLU A 263 21.44 -1.57 2.13
C GLU A 263 21.42 -0.06 2.32
N CYS A 264 20.23 0.50 2.49
CA CYS A 264 20.11 1.94 2.68
C CYS A 264 20.75 2.31 4.01
N GLN A 265 20.90 3.61 4.26
CA GLN A 265 21.49 4.08 5.50
C GLN A 265 20.79 3.53 6.74
N GLU A 266 19.46 3.53 6.75
CA GLU A 266 18.72 3.02 7.88
C GLU A 266 18.98 1.53 8.11
N CYS A 267 19.15 0.77 7.03
CA CYS A 267 19.43 -0.66 7.17
C CYS A 267 20.89 -0.89 7.57
N THR A 268 21.77 0.03 7.20
CA THR A 268 23.20 -0.12 7.52
C THR A 268 23.53 0.29 8.95
N THR A 269 23.02 1.45 9.36
CA THR A 269 23.25 2.00 10.69
C THR A 269 22.26 1.47 11.74
N LYS A 270 21.04 1.16 11.28
CA LYS A 270 19.93 0.65 12.13
C LYS A 270 19.54 1.66 13.22
N ASP A 271 19.89 2.93 13.02
CA ASP A 271 19.61 3.98 14.01
C ASP A 271 18.21 3.99 14.63
N LYS A 272 17.17 3.77 13.83
CA LYS A 272 15.82 3.85 14.38
C LYS A 272 15.47 2.61 15.20
N ASP A 273 16.22 1.52 15.01
CA ASP A 273 15.93 0.25 15.69
C ASP A 273 15.86 0.30 17.23
N LYS A 274 16.79 1.01 17.86
CA LYS A 274 16.78 1.08 19.33
C LYS A 274 15.44 1.55 19.85
N ALA A 275 14.98 2.67 19.31
CA ALA A 275 13.71 3.26 19.71
C ALA A 275 12.51 2.48 19.20
N LYS A 276 12.62 1.85 18.03
CA LYS A 276 11.51 1.06 17.53
C LYS A 276 11.29 -0.11 18.48
N VAL A 277 12.39 -0.71 18.93
CA VAL A 277 12.32 -1.82 19.86
C VAL A 277 12.50 -1.41 21.31
N GLU A 278 12.17 -0.16 21.62
CA GLU A 278 12.36 0.34 22.98
C GLU A 278 11.93 -0.64 24.05
N ILE A 279 12.78 -0.85 25.04
CA ILE A 279 12.45 -1.78 26.11
C ILE A 279 12.24 -0.80 27.24
N ARG A 280 11.44 -1.15 28.26
CA ARG A 280 11.23 -0.22 29.35
C ARG A 280 12.25 -0.33 30.46
N LYS A 281 12.62 0.84 30.96
CA LYS A 281 13.62 0.99 31.99
C LYS A 281 13.20 0.53 33.38
N LEU A 282 13.59 -0.69 33.76
CA LEU A 282 13.23 -1.24 35.06
C LEU A 282 14.44 -1.47 35.97
N SER A 283 14.15 -1.84 37.21
CA SER A 283 15.15 -2.14 38.25
C SER A 283 16.12 -3.27 37.92
N ASP A 284 15.58 -4.31 37.29
CA ASP A 284 16.34 -5.52 36.94
C ASP A 284 17.64 -5.39 36.12
N PRO A 285 17.57 -4.96 34.84
CA PRO A 285 16.52 -4.84 33.82
C PRO A 285 16.28 -6.15 33.05
N PRO A 286 15.50 -6.12 31.95
CA PRO A 286 15.26 -7.37 31.23
C PRO A 286 16.54 -7.94 30.67
N LYS A 287 16.74 -9.25 30.82
CA LYS A 287 17.92 -9.86 30.28
C LYS A 287 17.72 -9.97 28.77
N ALA A 288 18.82 -9.97 28.03
CA ALA A 288 18.80 -10.06 26.56
C ALA A 288 17.98 -11.21 25.97
N GLU A 289 18.16 -12.39 26.55
CA GLU A 289 17.45 -13.59 26.12
C GLU A 289 15.94 -13.38 26.15
N ALA A 290 15.46 -12.79 27.24
CA ALA A 290 14.04 -12.50 27.40
C ALA A 290 13.56 -11.50 26.36
N ILE A 291 14.39 -10.50 26.05
CA ILE A 291 14.04 -9.56 24.99
C ILE A 291 13.95 -10.22 23.63
N ARG A 292 14.95 -11.03 23.29
CA ARG A 292 14.92 -11.79 22.04
C ARG A 292 13.63 -12.64 21.99
N ASP A 293 13.29 -13.19 23.15
CA ASP A 293 12.07 -14.01 23.27
C ASP A 293 10.81 -13.16 23.08
N MET A 294 10.79 -11.96 23.64
CA MET A 294 9.62 -11.11 23.46
C MET A 294 9.53 -10.64 22.01
N VAL A 295 10.66 -10.43 21.36
CA VAL A 295 10.64 -10.06 19.93
C VAL A 295 10.04 -11.21 19.12
N ARG A 296 10.45 -12.44 19.43
CA ARG A 296 9.86 -13.58 18.72
C ARG A 296 8.38 -13.70 19.00
N TYR A 297 7.99 -13.49 20.25
CA TYR A 297 6.58 -13.54 20.59
C TYR A 297 5.78 -12.47 19.86
N ALA A 298 6.27 -11.24 19.87
CA ALA A 298 5.57 -10.14 19.21
C ALA A 298 5.41 -10.42 17.72
N ARG A 299 6.51 -10.82 17.10
CA ARG A 299 6.44 -11.10 15.68
C ARG A 299 5.60 -12.33 15.37
N ASN A 300 5.44 -13.21 16.35
CA ASN A 300 4.58 -14.37 16.19
C ASN A 300 3.13 -13.95 16.26
N VAL A 301 2.83 -13.08 17.23
CA VAL A 301 1.47 -12.56 17.42
C VAL A 301 1.03 -11.70 16.25
N ILE A 302 1.98 -11.02 15.60
CA ILE A 302 1.62 -10.27 14.40
C ILE A 302 0.94 -11.17 13.36
N GLU A 303 1.54 -12.33 13.07
CA GLU A 303 0.97 -13.27 12.11
C GLU A 303 -0.28 -13.96 12.64
N GLU A 304 -0.27 -14.28 13.93
CA GLU A 304 -1.45 -14.92 14.49
C GLU A 304 -2.63 -13.97 14.31
N PHE A 305 -2.38 -12.71 14.64
CA PHE A 305 -3.40 -11.66 14.53
C PHE A 305 -3.85 -11.50 13.09
N ARG A 306 -2.89 -11.44 12.18
CA ARG A 306 -3.22 -11.28 10.77
C ARG A 306 -4.13 -12.42 10.30
N ARG A 307 -3.82 -13.66 10.65
CA ARG A 307 -4.73 -14.76 10.28
C ARG A 307 -6.11 -14.67 10.94
N ALA A 308 -6.11 -14.35 12.24
CA ALA A 308 -7.35 -14.29 13.03
C ALA A 308 -8.42 -13.29 12.57
N LYS A 309 -8.06 -12.31 11.75
CA LYS A 309 -9.03 -11.33 11.25
C LYS A 309 -10.12 -12.06 10.47
N HIS A 310 -9.75 -13.22 9.94
CA HIS A 310 -10.59 -14.09 9.12
C HIS A 310 -11.56 -15.02 9.88
N TYR A 311 -11.24 -15.38 11.12
CA TYR A 311 -12.01 -16.35 11.90
C TYR A 311 -12.52 -15.85 13.25
N LYS A 312 -12.01 -14.72 13.73
CA LYS A 312 -12.39 -14.22 15.04
C LYS A 312 -13.33 -13.02 15.03
N SER A 313 -14.14 -12.87 16.08
CA SER A 313 -15.06 -11.73 16.19
C SER A 313 -14.25 -10.52 16.65
N PRO A 314 -14.77 -9.30 16.45
CA PRO A 314 -14.03 -8.13 16.94
C PRO A 314 -13.64 -8.12 18.42
N SER A 315 -14.55 -8.54 19.29
CA SER A 315 -14.30 -8.62 20.73
C SER A 315 -13.11 -9.49 21.08
N GLU A 316 -13.00 -10.59 20.32
CA GLU A 316 -11.92 -11.53 20.51
C GLU A 316 -10.63 -10.94 20.00
N LEU A 317 -10.65 -10.33 18.82
CA LEU A 317 -9.44 -9.71 18.30
C LEU A 317 -8.96 -8.66 19.29
N LEU A 318 -9.91 -7.90 19.83
CA LEU A 318 -9.61 -6.92 20.85
C LEU A 318 -8.96 -7.59 22.06
N GLU A 319 -9.52 -8.71 22.48
CA GLU A 319 -8.92 -9.43 23.59
C GLU A 319 -7.49 -9.83 23.25
N ILE A 320 -7.26 -10.31 22.03
CA ILE A 320 -5.89 -10.61 21.59
C ILE A 320 -4.99 -9.40 21.74
N CYS A 321 -5.47 -8.23 21.31
CA CYS A 321 -4.67 -7.02 21.43
C CYS A 321 -4.38 -6.58 22.87
N GLU A 322 -5.40 -6.63 23.72
CA GLU A 322 -5.22 -6.18 25.10
C GLU A 322 -4.25 -7.14 25.79
N LEU A 323 -4.49 -8.42 25.57
CA LEU A 323 -3.65 -9.50 26.10
C LEU A 323 -2.20 -9.36 25.68
N SER A 324 -1.99 -9.33 24.36
CA SER A 324 -0.64 -9.21 23.79
C SER A 324 0.04 -7.98 24.37
N GLN A 325 -0.63 -6.83 24.33
CA GLN A 325 -0.04 -5.62 24.90
C GLN A 325 0.35 -5.84 26.36
N GLU A 326 -0.56 -6.45 27.13
CA GLU A 326 -0.29 -6.74 28.53
C GLU A 326 0.95 -7.60 28.71
N LYS A 327 1.03 -8.73 28.02
CA LYS A 327 2.21 -9.59 28.14
C LYS A 327 3.47 -8.84 27.72
N MET A 328 3.44 -8.18 26.56
CA MET A 328 4.61 -7.49 26.05
C MET A 328 5.04 -6.31 26.92
N SER A 329 4.09 -5.69 27.61
CA SER A 329 4.40 -4.52 28.44
C SER A 329 5.29 -4.86 29.65
N SER A 330 5.51 -6.15 29.88
CA SER A 330 6.43 -6.59 30.92
C SER A 330 7.86 -6.29 30.51
N VAL A 331 8.12 -6.32 29.20
CA VAL A 331 9.44 -6.06 28.65
C VAL A 331 9.47 -4.71 27.90
N PHE A 332 8.49 -4.50 27.03
CA PHE A 332 8.43 -3.36 26.11
C PHE A 332 7.78 -2.07 26.61
N GLU A 333 8.38 -0.94 26.26
CA GLU A 333 7.79 0.38 26.53
C GLU A 333 6.63 0.61 25.57
N ASP A 334 5.71 1.48 25.93
CA ASP A 334 4.53 1.77 25.10
C ASP A 334 4.88 2.33 23.71
N SER A 335 6.01 3.01 23.61
CA SER A 335 6.47 3.59 22.33
C SER A 335 7.05 2.55 21.35
N ASN A 336 7.25 1.32 21.83
CA ASN A 336 7.78 0.23 21.02
C ASN A 336 6.81 -0.16 19.89
N VAL A 337 7.33 -0.36 18.67
CA VAL A 337 6.49 -0.64 17.50
C VAL A 337 5.58 -1.88 17.58
N TYR A 338 5.98 -2.87 18.36
CA TYR A 338 5.17 -4.07 18.48
C TYR A 338 3.96 -3.77 19.38
N MET A 339 4.15 -2.89 20.35
CA MET A 339 3.03 -2.42 21.17
C MET A 339 2.11 -1.60 20.27
N LEU A 340 2.73 -0.75 19.46
CA LEU A 340 2.01 0.15 18.55
C LEU A 340 1.23 -0.58 17.46
N HIS A 341 1.76 -1.69 16.96
CA HIS A 341 1.05 -2.44 15.93
C HIS A 341 -0.29 -2.89 16.51
N MET A 342 -0.23 -3.47 17.71
CA MET A 342 -1.42 -3.93 18.42
C MET A 342 -2.36 -2.80 18.82
N MET A 343 -1.80 -1.68 19.25
CA MET A 343 -2.66 -0.54 19.58
C MET A 343 -3.37 -0.06 18.31
N TYR A 344 -2.65 -0.05 17.21
CA TYR A 344 -3.18 0.38 15.93
C TYR A 344 -4.31 -0.57 15.46
N GLN A 345 -4.04 -1.87 15.55
CA GLN A 345 -5.04 -2.87 15.19
C GLN A 345 -6.27 -2.72 16.08
N ALA A 346 -6.03 -2.54 17.38
CA ALA A 346 -7.09 -2.32 18.33
C ALA A 346 -7.90 -1.07 17.95
N MET A 347 -7.20 -0.03 17.54
CA MET A 347 -7.87 1.18 17.08
C MET A 347 -8.78 0.83 15.91
N GLY A 348 -8.25 0.04 14.98
CA GLY A 348 -9.02 -0.37 13.83
C GLY A 348 -10.27 -1.15 14.24
N VAL A 349 -10.13 -2.04 15.22
CA VAL A 349 -11.30 -2.78 15.69
C VAL A 349 -12.30 -1.82 16.29
N CYS A 350 -11.83 -0.90 17.13
CA CYS A 350 -12.70 0.13 17.70
C CYS A 350 -13.45 0.88 16.59
N LEU A 351 -12.73 1.27 15.54
CA LEU A 351 -13.36 2.00 14.45
C LEU A 351 -14.42 1.11 13.82
N TYR A 352 -14.11 -0.17 13.67
CA TYR A 352 -15.10 -1.11 13.13
C TYR A 352 -16.33 -1.27 14.04
N MET A 353 -16.13 -1.39 15.34
CA MET A 353 -17.29 -1.50 16.21
C MET A 353 -17.91 -0.14 16.50
N GLN A 354 -17.50 0.87 15.75
CA GLN A 354 -18.04 2.22 15.89
C GLN A 354 -17.80 2.88 17.25
N ASP A 355 -16.81 2.38 17.99
CA ASP A 355 -16.44 2.91 19.29
C ASP A 355 -15.41 4.02 19.06
N TRP A 356 -15.93 5.17 18.65
CA TRP A 356 -15.15 6.36 18.33
C TRP A 356 -14.23 6.80 19.47
N GLU A 357 -14.75 6.79 20.69
CA GLU A 357 -13.98 7.22 21.84
C GLU A 357 -12.79 6.29 22.08
N GLY A 358 -13.00 4.99 21.96
CA GLY A 358 -11.92 4.04 22.13
C GLY A 358 -10.86 4.20 21.05
N ALA A 359 -11.31 4.38 19.82
CA ALA A 359 -10.39 4.57 18.72
C ALA A 359 -9.59 5.84 18.92
N LEU A 360 -10.24 6.90 19.39
CA LEU A 360 -9.57 8.17 19.58
C LEU A 360 -8.53 8.00 20.71
N GLN A 361 -8.93 7.28 21.75
CA GLN A 361 -8.02 7.05 22.88
C GLN A 361 -6.80 6.24 22.42
N TYR A 362 -6.98 5.26 21.52
CA TYR A 362 -5.81 4.56 20.97
C TYR A 362 -4.94 5.46 20.05
N GLY A 363 -5.62 6.16 19.14
CA GLY A 363 -4.94 7.05 18.21
C GLY A 363 -4.06 8.10 18.86
N GLN A 364 -4.57 8.72 19.92
CA GLN A 364 -3.79 9.76 20.61
C GLN A 364 -2.53 9.17 21.23
N LYS A 365 -2.64 7.90 21.56
CA LYS A 365 -1.53 7.16 22.13
C LYS A 365 -0.59 6.69 21.02
N ILE A 366 -1.14 6.47 19.82
CA ILE A 366 -0.33 5.94 18.72
C ILE A 366 0.48 7.04 18.01
N ILE A 367 -0.14 8.20 17.83
CA ILE A 367 0.43 9.27 17.00
C ILE A 367 1.88 9.74 17.24
N LYS A 368 2.23 10.10 18.46
CA LYS A 368 3.59 10.58 18.75
C LYS A 368 4.71 9.59 18.39
N PRO A 369 4.67 8.36 18.92
CA PRO A 369 5.70 7.39 18.52
C PRO A 369 5.74 7.16 17.01
N TYR A 370 4.59 7.23 16.35
CA TYR A 370 4.55 7.11 14.89
C TYR A 370 5.38 8.21 14.21
N SER A 371 5.24 9.44 14.68
CA SER A 371 5.97 10.57 14.08
C SER A 371 7.48 10.39 14.20
N LYS A 372 7.92 9.68 15.24
CA LYS A 372 9.33 9.39 15.45
C LYS A 372 9.84 8.27 14.56
N HIS A 373 9.07 7.20 14.45
CA HIS A 373 9.50 6.00 13.75
C HIS A 373 9.46 6.19 12.23
N TYR A 374 8.46 6.91 11.74
CA TYR A 374 8.30 7.12 10.30
C TYR A 374 9.13 8.34 9.83
N PRO A 375 9.38 8.43 8.51
CA PRO A 375 10.03 9.61 7.93
C PRO A 375 9.28 10.92 8.17
N LEU A 376 9.95 12.06 7.98
CA LEU A 376 9.31 13.38 8.16
C LEU A 376 7.99 13.55 7.42
N TYR A 377 7.95 13.19 6.15
CA TYR A 377 6.72 13.20 5.38
C TYR A 377 6.38 11.76 5.10
N SER A 378 5.39 11.27 5.82
CA SER A 378 4.94 9.91 5.67
C SER A 378 3.43 9.94 5.69
N LEU A 379 2.84 9.23 4.74
CA LEU A 379 1.39 9.09 4.67
C LEU A 379 0.91 8.29 5.86
N ASN A 380 1.76 7.46 6.43
CA ASN A 380 1.33 6.67 7.55
C ASN A 380 1.06 7.64 8.71
N VAL A 381 1.90 8.68 8.84
CA VAL A 381 1.71 9.69 9.86
C VAL A 381 0.55 10.65 9.50
N ALA A 382 0.54 11.09 8.25
CA ALA A 382 -0.49 11.99 7.74
C ALA A 382 -1.88 11.42 7.87
N SER A 383 -2.01 10.14 7.52
CA SER A 383 -3.29 9.46 7.55
C SER A 383 -3.74 9.35 9.00
N MET A 384 -2.78 9.16 9.89
CA MET A 384 -3.10 9.08 11.32
C MET A 384 -3.59 10.43 11.84
N TRP A 385 -2.87 11.49 11.49
CA TRP A 385 -3.32 12.83 11.87
C TRP A 385 -4.70 13.08 11.30
N LEU A 386 -4.91 12.66 10.07
CA LEU A 386 -6.19 12.85 9.41
C LEU A 386 -7.31 12.12 10.13
N LYS A 387 -7.06 10.86 10.45
CA LYS A 387 -8.06 10.05 11.14
C LYS A 387 -8.40 10.62 12.52
N LEU A 388 -7.36 10.99 13.25
CA LEU A 388 -7.50 11.62 14.54
C LEU A 388 -8.31 12.90 14.40
N GLY A 389 -7.96 13.71 13.41
CA GLY A 389 -8.69 14.94 13.14
C GLY A 389 -10.15 14.71 12.81
N ARG A 390 -10.45 13.74 11.96
CA ARG A 390 -11.84 13.46 11.61
C ARG A 390 -12.60 12.92 12.81
N LEU A 391 -11.91 12.18 13.67
CA LEU A 391 -12.54 11.68 14.89
C LEU A 391 -12.87 12.86 15.79
N TYR A 392 -11.90 13.75 16.01
CA TYR A 392 -12.18 14.94 16.81
C TYR A 392 -13.36 15.74 16.23
N MET A 393 -13.30 16.00 14.93
CA MET A 393 -14.33 16.77 14.25
C MET A 393 -15.70 16.10 14.38
N GLY A 394 -15.72 14.77 14.29
CA GLY A 394 -16.97 14.02 14.42
C GLY A 394 -17.44 14.03 15.87
N LEU A 395 -16.52 14.12 16.82
CA LEU A 395 -16.93 14.13 18.23
C LEU A 395 -17.03 15.57 18.72
N GLU A 396 -17.17 16.52 17.79
CA GLU A 396 -17.37 17.93 18.16
C GLU A 396 -16.27 18.49 19.07
N HIS A 397 -15.02 18.20 18.74
CA HIS A 397 -13.86 18.83 19.39
C HIS A 397 -13.06 19.47 18.26
N LYS A 398 -13.56 20.65 17.86
CA LYS A 398 -13.06 21.43 16.75
C LYS A 398 -11.63 21.96 16.86
N ALA A 399 -11.18 22.32 18.06
CA ALA A 399 -9.81 22.83 18.23
C ALA A 399 -8.74 21.77 17.90
N ALA A 400 -8.92 20.59 18.47
CA ALA A 400 -8.00 19.48 18.27
C ALA A 400 -8.18 18.97 16.86
N GLY A 401 -9.41 19.04 16.38
CA GLY A 401 -9.71 18.64 15.01
C GLY A 401 -8.87 19.51 14.09
N GLU A 402 -8.95 20.83 14.27
CA GLU A 402 -8.18 21.72 13.39
C GLU A 402 -6.68 21.49 13.51
N LYS A 403 -6.20 21.28 14.74
CA LYS A 403 -4.77 21.06 14.90
C LYS A 403 -4.33 19.76 14.20
N ALA A 404 -5.09 18.69 14.37
CA ALA A 404 -4.75 17.43 13.71
C ALA A 404 -4.87 17.52 12.20
N LEU A 405 -5.93 18.18 11.71
CA LEU A 405 -6.09 18.30 10.28
C LEU A 405 -4.96 19.15 9.70
N LYS A 406 -4.54 20.19 10.42
CA LYS A 406 -3.41 20.96 9.94
C LYS A 406 -2.12 20.15 9.90
N LYS A 407 -1.94 19.29 10.91
CA LYS A 407 -0.75 18.44 10.91
C LYS A 407 -0.81 17.46 9.72
N ALA A 408 -1.99 16.91 9.41
CA ALA A 408 -2.12 16.03 8.24
C ALA A 408 -1.88 16.78 6.92
N ILE A 409 -2.52 17.94 6.78
CA ILE A 409 -2.38 18.79 5.60
C ILE A 409 -0.93 19.16 5.32
N ALA A 410 -0.19 19.52 6.37
CA ALA A 410 1.18 19.95 6.14
C ALA A 410 2.00 18.88 5.43
N ILE A 411 1.77 17.60 5.73
CA ILE A 411 2.48 16.52 5.05
C ILE A 411 1.84 16.26 3.67
N MET A 412 0.51 16.21 3.66
CA MET A 412 -0.18 15.95 2.40
C MET A 412 0.06 16.97 1.31
N GLU A 413 0.27 18.23 1.64
CA GLU A 413 0.58 19.23 0.60
C GLU A 413 1.86 18.85 -0.15
N VAL A 414 2.81 18.27 0.59
CA VAL A 414 4.06 17.81 0.02
C VAL A 414 3.79 16.55 -0.78
N ALA A 415 3.18 15.56 -0.14
CA ALA A 415 3.03 14.27 -0.82
C ALA A 415 2.04 14.28 -2.01
N HIS A 416 0.87 14.89 -1.84
CA HIS A 416 -0.14 14.88 -2.91
C HIS A 416 -0.12 16.10 -3.83
N GLY A 417 0.49 17.19 -3.40
CA GLY A 417 0.49 18.43 -4.18
C GLY A 417 -0.64 19.32 -3.67
N LYS A 418 -0.46 20.63 -3.65
CA LYS A 418 -1.49 21.53 -3.10
C LYS A 418 -2.88 21.46 -3.75
N ASP A 419 -2.95 21.15 -5.04
CA ASP A 419 -4.24 21.14 -5.73
C ASP A 419 -4.99 19.80 -5.69
N HIS A 420 -4.45 18.81 -4.96
CA HIS A 420 -5.09 17.49 -4.88
C HIS A 420 -6.51 17.64 -4.29
N PRO A 421 -7.51 16.93 -4.85
CA PRO A 421 -8.86 17.02 -4.26
C PRO A 421 -9.00 16.64 -2.77
N TYR A 422 -8.16 15.74 -2.27
CA TYR A 422 -8.19 15.39 -0.86
C TYR A 422 -7.90 16.57 0.05
N ILE A 423 -6.97 17.41 -0.40
CA ILE A 423 -6.57 18.58 0.39
C ILE A 423 -7.70 19.60 0.44
N SER A 424 -8.28 19.88 -0.72
CA SER A 424 -9.43 20.76 -0.79
C SER A 424 -10.53 20.22 0.11
N GLU A 425 -10.71 18.89 0.09
CA GLU A 425 -11.68 18.24 0.96
C GLU A 425 -11.36 18.50 2.44
N ILE A 426 -10.10 18.31 2.83
CA ILE A 426 -9.78 18.49 4.24
C ILE A 426 -9.92 19.96 4.65
N LYS A 427 -9.47 20.90 3.81
CA LYS A 427 -9.69 22.32 4.12
C LYS A 427 -11.17 22.61 4.22
N GLN A 428 -11.94 22.00 3.32
CA GLN A 428 -13.39 22.14 3.32
C GLN A 428 -14.03 21.51 4.56
N GLU A 429 -13.33 20.55 5.17
CA GLU A 429 -13.83 19.96 6.42
C GLU A 429 -13.63 20.87 7.64
N ILE A 430 -12.57 21.67 7.62
CA ILE A 430 -12.24 22.61 8.70
C ILE A 430 -13.19 23.81 8.78
N GLU A 431 -13.57 24.35 7.63
CA GLU A 431 -14.45 25.51 7.56
C GLU A 431 -15.89 25.29 8.02
N SER A 432 -16.24 24.07 8.41
CA SER A 432 -17.61 23.78 8.86
C SER A 432 -17.73 24.01 10.37
N GLY B 2 2.04 -12.17 4.91
CA GLY B 2 2.07 -10.83 4.36
C GLY B 2 1.72 -10.83 2.89
N ARG B 3 2.68 -11.30 2.08
CA ARG B 3 2.52 -11.41 0.62
C ARG B 3 1.80 -10.27 -0.11
N MET B 4 2.26 -9.05 0.13
CA MET B 4 1.59 -7.86 -0.36
C MET B 4 2.29 -7.28 -1.58
N LEU B 5 1.56 -6.44 -2.32
CA LEU B 5 2.15 -5.60 -3.34
C LEU B 5 2.70 -4.33 -2.67
N LYS B 6 3.30 -3.45 -3.46
CA LYS B 6 3.88 -2.23 -2.91
C LYS B 6 2.83 -1.48 -2.09
N HIS B 7 3.15 -1.22 -0.83
CA HIS B 7 2.18 -0.70 0.12
C HIS B 7 2.84 0.19 1.15
N LYS B 8 2.03 0.99 1.85
CA LYS B 8 2.51 1.88 2.90
C LYS B 8 2.06 1.37 4.26
N ARG B 9 0.89 0.74 4.30
CA ARG B 9 0.30 0.24 5.54
C ARG B 9 0.16 -1.28 5.51
N GLN B 10 0.76 -1.95 6.49
CA GLN B 10 0.79 -3.41 6.51
C GLN B 10 -0.57 -4.01 6.88
N ARG B 11 -1.19 -4.68 5.90
CA ARG B 11 -2.49 -5.32 6.08
C ARG B 11 -2.33 -6.82 6.27
#